data_7N8U
#
_entry.id   7N8U
#
_cell.length_a   38.289
_cell.length_b   121.350
_cell.length_c   129.263
_cell.angle_alpha   90.000
_cell.angle_beta   90.000
_cell.angle_gamma   90.000
#
_symmetry.space_group_name_H-M   'P 21 21 21'
#
loop_
_entity.id
_entity.type
_entity.pdbx_description
1 polymer 'Triosephosphate isomerase'
2 water water
#
_entity_poly.entity_id   1
_entity_poly.type   'polypeptide(L)'
_entity_poly.pdbx_seq_one_letter_code
;MRKKFIIGGNWKMQILNVEEAVSIATELATTISGILTETVDVFIAPSFNALYSVGQAIKGTKLKLAGQNMYFRDKGAFTG
EISPDSLLDAGCEYVILGHSERRRIFGESDAVINQKVKKALEKGLKPVLCIGETAKEKEEGHTETVLRTQIDESMADIPR
EQLNLITIAYEPVWAINNKFLNPNSEIKTATPEEAEKNHIFIRKLLINKFGDEGKNILIQYGGSMKASNCEGLLNIGEIN
GGLIGGASLSAEKLKPIIEAAVKLGK
;
_entity_poly.pdbx_strand_id   A,B
#
# COMPACT_ATOMS: atom_id res chain seq x y z
N MET A 1 32.24 11.83 -19.94
CA MET A 1 31.58 12.44 -21.09
C MET A 1 30.55 11.48 -21.72
N ARG A 2 30.47 10.26 -21.19
CA ARG A 2 29.58 9.24 -21.71
C ARG A 2 28.19 9.36 -21.10
N LYS A 3 27.18 8.99 -21.87
CA LYS A 3 25.79 9.18 -21.47
C LYS A 3 25.40 8.20 -20.36
N LYS A 4 24.84 8.73 -19.27
CA LYS A 4 24.42 7.90 -18.15
C LYS A 4 22.94 7.53 -18.28
N PHE A 5 22.61 6.33 -17.80
CA PHE A 5 21.25 5.82 -17.89
C PHE A 5 20.86 5.15 -16.59
N ILE A 6 19.59 5.26 -16.23
CA ILE A 6 18.98 4.46 -15.19
C ILE A 6 17.84 3.70 -15.83
N ILE A 7 17.91 2.38 -15.79
CA ILE A 7 16.85 1.52 -16.28
C ILE A 7 16.13 0.97 -15.06
N GLY A 8 14.88 1.37 -14.86
CA GLY A 8 14.11 0.98 -13.70
C GLY A 8 12.96 0.05 -14.10
N GLY A 9 12.84 -1.06 -13.37
CA GLY A 9 11.79 -2.01 -13.66
C GLY A 9 10.68 -1.94 -12.63
N ASN A 10 9.50 -1.48 -13.05
CA ASN A 10 8.34 -1.37 -12.16
C ASN A 10 7.48 -2.61 -12.36
N TRP A 11 7.55 -3.53 -11.40
CA TRP A 11 6.81 -4.78 -11.48
C TRP A 11 5.34 -4.61 -11.13
N LYS A 12 4.92 -3.41 -10.71
CA LYS A 12 3.53 -3.12 -10.40
C LYS A 12 2.91 -4.25 -9.57
N MET A 13 1.70 -4.71 -9.92
CA MET A 13 1.12 -5.83 -9.19
C MET A 13 1.01 -7.07 -10.06
N GLN A 14 2.12 -7.40 -10.74
CA GLN A 14 2.17 -8.47 -11.71
C GLN A 14 2.84 -9.74 -11.20
N ILE A 15 3.66 -9.64 -10.16
CA ILE A 15 4.37 -10.79 -9.61
C ILE A 15 3.91 -10.95 -8.16
N LEU A 16 3.22 -12.06 -7.90
CA LEU A 16 2.41 -12.16 -6.70
C LEU A 16 3.10 -12.93 -5.59
N ASN A 17 3.86 -13.96 -5.93
CA ASN A 17 4.49 -14.83 -4.92
C ASN A 17 5.94 -14.46 -4.74
N VAL A 18 6.41 -14.58 -3.49
CA VAL A 18 7.78 -14.24 -3.14
C VAL A 18 8.76 -15.15 -3.89
N GLU A 19 8.46 -16.45 -3.96
CA GLU A 19 9.34 -17.37 -4.67
C GLU A 19 9.58 -16.92 -6.11
N GLU A 20 8.52 -16.49 -6.79
CA GLU A 20 8.70 -16.05 -8.18
C GLU A 20 9.46 -14.74 -8.26
N ALA A 21 9.16 -13.79 -7.38
CA ALA A 21 9.89 -12.52 -7.40
C ALA A 21 11.38 -12.74 -7.19
N VAL A 22 11.75 -13.60 -6.24
CA VAL A 22 13.15 -13.89 -5.96
C VAL A 22 13.79 -14.58 -7.16
N SER A 23 13.05 -15.50 -7.79
CA SER A 23 13.57 -16.24 -8.94
C SER A 23 13.85 -15.31 -10.12
N ILE A 24 12.89 -14.44 -10.44
CA ILE A 24 13.09 -13.46 -11.49
C ILE A 24 14.23 -12.51 -11.16
N ALA A 25 14.26 -12.00 -9.93
CA ALA A 25 15.29 -11.05 -9.53
C ALA A 25 16.67 -11.66 -9.62
N THR A 26 16.80 -12.92 -9.17
CA THR A 26 18.08 -13.61 -9.24
C THR A 26 18.52 -13.82 -10.69
N GLU A 27 17.58 -14.23 -11.55
CA GLU A 27 17.90 -14.42 -12.96
C GLU A 27 18.34 -13.10 -13.61
N LEU A 28 17.67 -11.99 -13.26
CA LEU A 28 18.09 -10.70 -13.80
C LEU A 28 19.47 -10.31 -13.29
N ALA A 29 19.73 -10.48 -11.99
CA ALA A 29 21.06 -10.14 -11.46
C ALA A 29 22.14 -10.95 -12.16
N THR A 30 21.89 -12.24 -12.39
CA THR A 30 22.84 -13.08 -13.10
C THR A 30 23.06 -12.59 -14.52
N THR A 31 21.98 -12.21 -15.22
CA THR A 31 22.09 -11.80 -16.61
C THR A 31 22.91 -10.52 -16.77
N ILE A 32 22.67 -9.52 -15.91
CA ILE A 32 23.33 -8.23 -16.11
C ILE A 32 24.76 -8.19 -15.58
N SER A 33 25.16 -9.18 -14.78
CA SER A 33 26.51 -9.20 -14.23
C SER A 33 27.57 -8.99 -15.32
N GLY A 34 27.45 -9.72 -16.43
CA GLY A 34 28.46 -9.65 -17.46
C GLY A 34 28.37 -8.44 -18.37
N ILE A 35 27.20 -7.80 -18.44
CA ILE A 35 27.06 -6.61 -19.26
C ILE A 35 27.86 -5.47 -18.65
N LEU A 36 28.59 -4.74 -19.48
CA LEU A 36 29.54 -3.72 -19.02
C LEU A 36 28.78 -2.43 -18.71
N THR A 37 28.24 -2.37 -17.49
CA THR A 37 27.26 -1.35 -17.11
C THR A 37 27.83 -0.24 -16.25
N GLU A 38 29.08 0.20 -16.48
CA GLU A 38 29.64 1.27 -15.65
C GLU A 38 28.82 2.56 -15.73
N THR A 39 28.20 2.82 -16.87
CA THR A 39 27.42 4.03 -17.10
C THR A 39 25.91 3.82 -16.96
N VAL A 40 25.47 2.65 -16.52
CA VAL A 40 24.05 2.29 -16.50
C VAL A 40 23.73 1.69 -15.14
N ASP A 41 22.76 2.27 -14.42
CA ASP A 41 22.23 1.67 -13.19
C ASP A 41 20.91 0.96 -13.50
N VAL A 42 20.72 -0.20 -12.89
CA VAL A 42 19.53 -1.03 -13.12
C VAL A 42 18.89 -1.30 -11.77
N PHE A 43 17.59 -1.00 -11.66
CA PHE A 43 16.85 -1.37 -10.46
C PHE A 43 15.55 -2.06 -10.84
N ILE A 44 15.05 -2.88 -9.92
CA ILE A 44 13.71 -3.46 -10.00
C ILE A 44 12.94 -3.01 -8.77
N ALA A 45 11.62 -2.87 -8.94
CA ALA A 45 10.69 -2.51 -7.87
C ALA A 45 9.64 -3.61 -7.71
N PRO A 46 9.95 -4.67 -6.97
CA PRO A 46 8.93 -5.66 -6.62
C PRO A 46 7.87 -5.07 -5.69
N SER A 47 6.78 -5.80 -5.54
CA SER A 47 5.75 -5.44 -4.57
C SER A 47 6.29 -5.56 -3.14
N PHE A 48 5.64 -4.85 -2.20
CA PHE A 48 6.11 -4.78 -0.82
C PHE A 48 6.32 -6.16 -0.19
N ASN A 49 5.47 -7.14 -0.53
CA ASN A 49 5.55 -8.45 0.14
C ASN A 49 6.86 -9.15 -0.14
N ALA A 50 7.49 -8.86 -1.28
CA ALA A 50 8.69 -9.55 -1.74
C ALA A 50 9.98 -8.76 -1.53
N LEU A 51 9.91 -7.49 -1.11
CA LEU A 51 11.11 -6.63 -1.08
C LEU A 51 12.22 -7.24 -0.24
N TYR A 52 11.89 -7.67 0.98
CA TYR A 52 12.90 -8.15 1.91
C TYR A 52 13.59 -9.40 1.37
N SER A 53 12.81 -10.37 0.90
CA SER A 53 13.39 -11.59 0.34
C SER A 53 14.19 -11.33 -0.93
N VAL A 54 13.70 -10.44 -1.81
CA VAL A 54 14.45 -10.09 -3.01
C VAL A 54 15.75 -9.40 -2.64
N GLY A 55 15.70 -8.43 -1.71
CA GLY A 55 16.91 -7.73 -1.31
C GLY A 55 17.95 -8.68 -0.76
N GLN A 56 17.53 -9.67 0.03
CA GLN A 56 18.42 -10.71 0.50
C GLN A 56 19.08 -11.45 -0.66
N ALA A 57 18.30 -11.75 -1.70
CA ALA A 57 18.76 -12.60 -2.78
C ALA A 57 19.75 -11.91 -3.71
N ILE A 58 19.59 -10.60 -3.93
CA ILE A 58 20.44 -9.86 -4.84
C ILE A 58 21.45 -8.97 -4.12
N LYS A 59 21.61 -9.15 -2.80
CA LYS A 59 22.62 -8.40 -2.08
C LYS A 59 24.00 -8.68 -2.68
N GLY A 60 24.78 -7.61 -2.85
CA GLY A 60 26.10 -7.72 -3.41
C GLY A 60 26.18 -7.75 -4.93
N THR A 61 25.05 -7.80 -5.63
CA THR A 61 25.04 -7.78 -7.09
C THR A 61 24.92 -6.34 -7.59
N LYS A 62 24.93 -6.18 -8.91
CA LYS A 62 24.72 -4.88 -9.53
C LYS A 62 23.26 -4.47 -9.59
N LEU A 63 22.34 -5.38 -9.30
CA LEU A 63 20.92 -5.09 -9.39
C LEU A 63 20.47 -4.36 -8.12
N LYS A 64 19.91 -3.17 -8.30
CA LYS A 64 19.44 -2.36 -7.19
C LYS A 64 17.95 -2.59 -6.96
N LEU A 65 17.50 -2.26 -5.75
CA LEU A 65 16.14 -2.54 -5.31
C LEU A 65 15.40 -1.21 -5.10
N ALA A 66 14.11 -1.19 -5.47
CA ALA A 66 13.26 -0.02 -5.29
C ALA A 66 11.93 -0.42 -4.69
N GLY A 67 11.34 0.49 -3.90
CA GLY A 67 9.94 0.38 -3.54
C GLY A 67 9.06 1.04 -4.60
N GLN A 68 7.83 0.53 -4.75
CA GLN A 68 6.88 1.14 -5.68
C GLN A 68 6.15 2.35 -5.08
N ASN A 69 6.30 2.58 -3.79
CA ASN A 69 5.59 3.64 -3.08
C ASN A 69 6.04 3.58 -1.64
N MET A 70 5.59 4.55 -0.85
CA MET A 70 5.92 4.64 0.55
C MET A 70 5.08 5.78 1.10
N TYR A 71 4.87 5.79 2.41
CA TYR A 71 4.24 6.92 3.06
C TYR A 71 5.31 7.97 3.41
N PHE A 72 4.86 9.18 3.75
CA PHE A 72 5.79 10.28 4.02
C PHE A 72 6.08 10.47 5.51
N ARG A 73 5.56 9.62 6.39
CA ARG A 73 5.98 9.59 7.78
C ARG A 73 6.78 8.32 8.06
N ASP A 74 7.59 8.37 9.13
CA ASP A 74 8.44 7.26 9.53
C ASP A 74 7.66 6.14 10.23
N LYS A 75 6.75 6.50 11.13
CA LYS A 75 5.90 5.48 11.76
C LYS A 75 4.59 6.15 12.19
N GLY A 76 3.58 5.32 12.46
CA GLY A 76 2.37 5.81 13.08
C GLY A 76 1.15 4.98 12.71
N ALA A 77 0.00 5.58 12.98
CA ALA A 77 -1.30 4.93 12.81
C ALA A 77 -1.78 5.11 11.38
N PHE A 78 -1.15 4.36 10.46
CA PHE A 78 -1.43 4.45 9.03
C PHE A 78 -1.61 3.03 8.49
N THR A 79 -2.78 2.45 8.75
CA THR A 79 -3.09 1.10 8.30
C THR A 79 -2.88 0.99 6.80
N GLY A 80 -2.13 -0.05 6.40
CA GLY A 80 -1.88 -0.35 5.01
C GLY A 80 -0.73 0.41 4.36
N GLU A 81 -0.06 1.31 5.09
CA GLU A 81 1.04 2.10 4.54
C GLU A 81 2.40 1.49 4.90
N ILE A 82 3.40 1.83 4.10
CA ILE A 82 4.74 1.28 4.24
C ILE A 82 5.74 2.40 4.52
N SER A 83 6.53 2.23 5.58
CA SER A 83 7.48 3.26 6.03
C SER A 83 8.72 3.29 5.14
N PRO A 84 9.29 4.48 4.89
CA PRO A 84 10.62 4.53 4.26
C PRO A 84 11.64 3.67 4.98
N ASP A 85 11.50 3.54 6.30
CA ASP A 85 12.42 2.71 7.07
C ASP A 85 12.29 1.25 6.70
N SER A 86 11.08 0.83 6.30
CA SER A 86 10.88 -0.55 5.88
C SER A 86 11.51 -0.79 4.52
N LEU A 87 11.47 0.21 3.64
CA LEU A 87 12.17 0.09 2.37
C LEU A 87 13.67 -0.04 2.62
N LEU A 88 14.22 0.81 3.49
CA LEU A 88 15.65 0.72 3.82
C LEU A 88 15.97 -0.62 4.44
N ASP A 89 15.12 -1.09 5.36
CA ASP A 89 15.33 -2.40 5.99
C ASP A 89 15.42 -3.51 4.95
N ALA A 90 14.64 -3.40 3.87
CA ALA A 90 14.70 -4.42 2.82
C ALA A 90 15.90 -4.23 1.89
N GLY A 91 16.63 -3.12 2.00
CA GLY A 91 17.75 -2.86 1.11
C GLY A 91 17.43 -1.99 -0.08
N CYS A 92 16.29 -1.30 -0.08
CA CYS A 92 15.95 -0.43 -1.19
C CYS A 92 16.92 0.73 -1.28
N GLU A 93 17.27 1.10 -2.50
CA GLU A 93 18.06 2.28 -2.80
C GLU A 93 17.25 3.34 -3.51
N TYR A 94 16.19 2.95 -4.22
CA TYR A 94 15.30 3.85 -4.93
C TYR A 94 13.88 3.71 -4.41
N VAL A 95 13.05 4.71 -4.67
CA VAL A 95 11.61 4.60 -4.45
C VAL A 95 10.88 5.37 -5.55
N ILE A 96 9.94 4.70 -6.21
CA ILE A 96 9.06 5.33 -7.19
C ILE A 96 7.99 6.12 -6.45
N LEU A 97 7.81 7.38 -6.82
CA LEU A 97 6.81 8.22 -6.18
C LEU A 97 5.99 8.96 -7.22
N GLY A 98 4.70 9.12 -6.94
CA GLY A 98 3.84 9.84 -7.86
C GLY A 98 3.58 9.13 -9.18
N HIS A 99 3.77 7.81 -9.22
CA HIS A 99 3.40 7.06 -10.42
C HIS A 99 1.96 7.40 -10.81
N SER A 100 1.71 7.46 -12.12
CA SER A 100 0.39 7.84 -12.63
C SER A 100 -0.73 7.00 -12.04
N GLU A 101 -0.48 5.73 -11.75
CA GLU A 101 -1.53 4.94 -11.11
C GLU A 101 -1.79 5.46 -9.69
N ARG A 102 -0.74 5.85 -8.96
CA ARG A 102 -0.95 6.44 -7.64
C ARG A 102 -1.72 7.75 -7.75
N ARG A 103 -1.36 8.60 -8.71
CA ARG A 103 -2.00 9.91 -8.82
C ARG A 103 -3.43 9.78 -9.34
N ARG A 104 -3.62 9.03 -10.41
CA ARG A 104 -4.87 9.09 -11.16
C ARG A 104 -5.88 8.03 -10.74
N ILE A 105 -5.42 6.86 -10.29
CA ILE A 105 -6.36 5.86 -9.78
C ILE A 105 -6.57 6.02 -8.28
N PHE A 106 -5.49 6.24 -7.52
CA PHE A 106 -5.56 6.27 -6.07
C PHE A 106 -5.53 7.68 -5.50
N GLY A 107 -5.55 8.70 -6.36
CA GLY A 107 -5.79 10.05 -5.90
C GLY A 107 -4.71 10.66 -5.03
N GLU A 108 -3.44 10.31 -5.26
CA GLU A 108 -2.35 10.94 -4.52
C GLU A 108 -2.06 12.33 -5.09
N SER A 109 -2.07 13.34 -4.22
CA SER A 109 -1.93 14.73 -4.64
C SER A 109 -0.46 15.11 -4.78
N ASP A 110 -0.21 16.27 -5.40
CA ASP A 110 1.16 16.80 -5.43
C ASP A 110 1.67 17.10 -4.03
N ALA A 111 0.80 17.59 -3.15
CA ALA A 111 1.24 17.92 -1.79
C ALA A 111 1.65 16.66 -1.04
N VAL A 112 0.88 15.58 -1.17
CA VAL A 112 1.24 14.31 -0.56
C VAL A 112 2.55 13.79 -1.14
N ILE A 113 2.65 13.80 -2.48
CA ILE A 113 3.85 13.31 -3.15
C ILE A 113 5.07 14.15 -2.80
N ASN A 114 4.89 15.47 -2.70
CA ASN A 114 5.97 16.34 -2.26
C ASN A 114 6.52 15.93 -0.90
N GLN A 115 5.61 15.62 0.04
CA GLN A 115 6.06 15.16 1.36
C GLN A 115 6.87 13.87 1.24
N LYS A 116 6.44 12.96 0.36
CA LYS A 116 7.14 11.69 0.21
C LYS A 116 8.53 11.89 -0.41
N VAL A 117 8.63 12.78 -1.39
CA VAL A 117 9.91 13.05 -2.03
C VAL A 117 10.89 13.62 -0.99
N LYS A 118 10.43 14.60 -0.20
CA LYS A 118 11.30 15.17 0.83
C LYS A 118 11.71 14.11 1.85
N LYS A 119 10.77 13.25 2.26
CA LYS A 119 11.10 12.17 3.17
C LYS A 119 12.14 11.21 2.59
N ALA A 120 11.97 10.84 1.31
CA ALA A 120 12.91 9.91 0.70
C ALA A 120 14.31 10.48 0.73
N LEU A 121 14.46 11.76 0.36
CA LEU A 121 15.75 12.43 0.38
C LEU A 121 16.33 12.49 1.79
N GLU A 122 15.51 12.85 2.78
CA GLU A 122 15.95 12.81 4.18
C GLU A 122 16.50 11.44 4.54
N LYS A 123 15.85 10.37 4.06
CA LYS A 123 16.23 9.00 4.37
C LYS A 123 17.36 8.48 3.50
N GLY A 124 17.81 9.25 2.53
CA GLY A 124 18.84 8.77 1.64
C GLY A 124 18.36 7.88 0.54
N LEU A 125 17.04 7.73 0.38
CA LEU A 125 16.49 7.03 -0.76
C LEU A 125 16.55 7.91 -2.00
N LYS A 126 16.77 7.29 -3.17
CA LYS A 126 16.75 8.01 -4.43
C LYS A 126 15.33 8.00 -4.99
N PRO A 127 14.61 9.09 -4.96
CA PRO A 127 13.24 9.06 -5.47
C PRO A 127 13.21 9.12 -6.99
N VAL A 128 12.31 8.34 -7.57
CA VAL A 128 11.99 8.41 -8.98
C VAL A 128 10.62 9.06 -9.05
N LEU A 129 10.62 10.37 -9.24
CA LEU A 129 9.40 11.17 -9.22
C LEU A 129 8.76 11.14 -10.61
N CYS A 130 7.56 10.57 -10.69
CA CYS A 130 6.84 10.43 -11.95
C CYS A 130 5.87 11.59 -12.12
N ILE A 131 5.79 12.09 -13.36
CA ILE A 131 4.87 13.14 -13.76
C ILE A 131 4.28 12.75 -15.11
N GLY A 132 3.20 13.42 -15.48
CA GLY A 132 2.58 13.13 -16.76
C GLY A 132 1.12 13.54 -16.86
N GLU A 133 0.67 13.90 -18.06
CA GLU A 133 -0.67 14.43 -18.24
C GLU A 133 -1.55 13.42 -18.96
N THR A 134 -2.85 13.48 -18.67
CA THR A 134 -3.84 12.60 -19.30
C THR A 134 -4.22 13.09 -20.69
N ALA A 135 -5.05 12.28 -21.37
CA ALA A 135 -5.52 12.62 -22.71
C ALA A 135 -6.36 13.89 -22.71
N LYS A 136 -7.30 14.00 -21.77
CA LYS A 136 -8.13 15.20 -21.70
C LYS A 136 -7.28 16.44 -21.45
N GLU A 137 -6.29 16.33 -20.55
CA GLU A 137 -5.42 17.46 -20.26
C GLU A 137 -4.63 17.86 -21.50
N LYS A 138 -4.08 16.88 -22.21
CA LYS A 138 -3.31 17.19 -23.42
C LYS A 138 -4.20 17.79 -24.50
N GLU A 139 -5.35 17.16 -24.77
CA GLU A 139 -6.24 17.63 -25.83
C GLU A 139 -6.81 19.00 -25.52
N GLU A 140 -6.92 19.37 -24.24
CA GLU A 140 -7.44 20.67 -23.88
C GLU A 140 -6.35 21.72 -23.69
N GLY A 141 -5.12 21.42 -24.13
CA GLY A 141 -4.05 22.40 -24.13
C GLY A 141 -3.36 22.59 -22.81
N HIS A 142 -3.41 21.61 -21.90
CA HIS A 142 -2.88 21.77 -20.56
C HIS A 142 -1.61 20.97 -20.31
N THR A 143 -0.97 20.42 -21.36
CA THR A 143 0.23 19.61 -21.13
C THR A 143 1.29 20.41 -20.35
N GLU A 144 1.62 21.60 -20.84
CA GLU A 144 2.65 22.41 -20.20
C GLU A 144 2.23 22.85 -18.80
N THR A 145 0.99 23.28 -18.63
CA THR A 145 0.50 23.68 -17.32
C THR A 145 0.56 22.53 -16.31
N VAL A 146 0.14 21.33 -16.74
CA VAL A 146 0.10 20.20 -15.81
C VAL A 146 1.50 19.80 -15.38
N LEU A 147 2.42 19.64 -16.35
CA LEU A 147 3.79 19.24 -16.04
C LEU A 147 4.51 20.28 -15.18
N ARG A 148 4.36 21.56 -15.49
CA ARG A 148 4.84 22.60 -14.58
C ARG A 148 4.26 22.52 -13.19
N THR A 149 2.95 22.34 -13.09
CA THR A 149 2.34 22.25 -11.77
C THR A 149 2.90 21.08 -11.00
N GLN A 150 3.05 19.93 -11.67
CA GLN A 150 3.54 18.74 -11.01
C GLN A 150 4.98 18.90 -10.58
N ILE A 151 5.83 19.47 -11.43
CA ILE A 151 7.21 19.74 -11.01
C ILE A 151 7.25 20.73 -9.84
N ASP A 152 6.55 21.87 -9.98
CA ASP A 152 6.61 22.91 -8.96
C ASP A 152 6.10 22.39 -7.61
N GLU A 153 5.02 21.63 -7.63
CA GLU A 153 4.40 21.24 -6.36
C GLU A 153 4.93 19.92 -5.81
N SER A 154 5.30 18.96 -6.66
CA SER A 154 5.92 17.74 -6.14
C SER A 154 7.35 17.97 -5.69
N MET A 155 8.07 18.95 -6.26
CA MET A 155 9.41 19.22 -5.78
C MET A 155 9.53 20.51 -4.97
N ALA A 156 8.41 21.02 -4.44
CA ALA A 156 8.47 22.19 -3.56
C ALA A 156 9.40 21.95 -2.36
N ASP A 157 10.28 22.93 -2.12
CA ASP A 157 11.07 23.03 -0.89
C ASP A 157 12.13 21.94 -0.75
N ILE A 158 12.61 21.40 -1.87
CA ILE A 158 13.64 20.37 -1.79
C ILE A 158 15.00 21.06 -1.61
N PRO A 159 15.78 20.67 -0.60
CA PRO A 159 17.12 21.26 -0.45
C PRO A 159 17.93 21.01 -1.71
N ARG A 160 18.54 22.08 -2.23
CA ARG A 160 19.32 21.95 -3.46
C ARG A 160 20.42 20.92 -3.34
N GLU A 161 21.02 20.77 -2.15
CA GLU A 161 22.07 19.78 -1.97
C GLU A 161 21.53 18.35 -1.99
N GLN A 162 20.22 18.16 -2.03
CA GLN A 162 19.62 16.84 -2.19
C GLN A 162 19.14 16.56 -3.62
N LEU A 163 19.22 17.56 -4.52
CA LEU A 163 18.64 17.42 -5.85
C LEU A 163 19.32 16.33 -6.67
N ASN A 164 20.60 16.06 -6.43
CA ASN A 164 21.29 15.11 -7.29
C ASN A 164 20.83 13.67 -7.06
N LEU A 165 20.02 13.43 -6.04
CA LEU A 165 19.47 12.11 -5.79
C LEU A 165 18.18 11.85 -6.57
N ILE A 166 17.67 12.84 -7.27
CA ILE A 166 16.33 12.78 -7.87
C ILE A 166 16.44 12.37 -9.34
N THR A 167 15.54 11.47 -9.74
CA THR A 167 15.29 11.11 -11.13
C THR A 167 13.84 11.46 -11.45
N ILE A 168 13.59 12.01 -12.63
CA ILE A 168 12.21 12.25 -13.09
C ILE A 168 11.85 11.18 -14.11
N ALA A 169 10.63 10.65 -14.04
CA ALA A 169 10.11 9.79 -15.10
C ALA A 169 8.91 10.48 -15.73
N TYR A 170 8.95 10.67 -17.05
CA TYR A 170 7.81 11.25 -17.75
C TYR A 170 6.91 10.13 -18.25
N GLU A 171 5.63 10.18 -17.86
CA GLU A 171 4.65 9.20 -18.30
C GLU A 171 3.67 9.85 -19.27
N PRO A 172 3.64 9.44 -20.52
CA PRO A 172 2.60 9.94 -21.44
C PRO A 172 1.30 9.20 -21.16
N VAL A 173 0.66 9.60 -20.06
CA VAL A 173 -0.57 8.97 -19.62
C VAL A 173 -1.63 9.08 -20.70
N TRP A 174 -1.57 10.16 -21.50
CA TRP A 174 -2.49 10.34 -22.61
C TRP A 174 -2.47 9.16 -23.58
N ALA A 175 -1.38 8.39 -23.64
CA ALA A 175 -1.28 7.29 -24.59
C ALA A 175 -1.72 5.94 -24.04
N ILE A 176 -2.07 5.86 -22.75
CA ILE A 176 -2.47 4.59 -22.16
C ILE A 176 -3.89 4.24 -22.62
N ASN A 177 -4.06 3.00 -23.10
CA ASN A 177 -5.35 2.52 -23.61
C ASN A 177 -6.22 2.04 -22.44
N ASN A 178 -6.74 3.01 -21.71
CA ASN A 178 -7.47 2.72 -20.47
C ASN A 178 -8.52 3.80 -20.32
N LYS A 179 -9.79 3.41 -20.48
CA LYS A 179 -10.88 4.38 -20.38
C LYS A 179 -11.09 4.87 -18.95
N PHE A 180 -10.53 4.19 -17.95
CA PHE A 180 -10.56 4.76 -16.61
C PHE A 180 -9.66 5.98 -16.54
N LEU A 181 -8.40 5.84 -16.99
CA LEU A 181 -7.47 6.97 -16.99
C LEU A 181 -7.89 8.05 -17.97
N ASN A 182 -8.40 7.65 -19.13
CA ASN A 182 -8.68 8.57 -20.24
C ASN A 182 -10.12 8.37 -20.71
N PRO A 183 -11.10 8.88 -19.96
CA PRO A 183 -12.48 8.47 -20.19
C PRO A 183 -13.07 8.94 -21.51
N ASN A 184 -12.84 10.19 -21.89
CA ASN A 184 -13.60 10.81 -22.97
C ASN A 184 -12.66 11.55 -23.91
N SER A 185 -11.75 10.79 -24.53
CA SER A 185 -10.75 11.39 -25.40
C SER A 185 -10.18 10.31 -26.30
N GLU A 186 -9.69 10.73 -27.46
CA GLU A 186 -8.95 9.82 -28.32
C GLU A 186 -7.64 9.43 -27.66
N ILE A 187 -7.26 8.16 -27.81
CA ILE A 187 -6.00 7.64 -27.29
C ILE A 187 -5.01 7.61 -28.44
N LYS A 188 -4.07 8.55 -28.42
CA LYS A 188 -3.13 8.73 -29.51
C LYS A 188 -1.88 7.88 -29.29
N THR A 189 -1.09 7.75 -30.36
CA THR A 189 0.13 6.97 -30.35
C THR A 189 1.25 7.78 -29.71
N ALA A 190 1.93 7.17 -28.75
CA ALA A 190 3.10 7.79 -28.13
C ALA A 190 4.29 7.65 -29.08
N THR A 191 4.61 8.71 -29.78
CA THR A 191 5.69 8.68 -30.75
C THR A 191 7.00 9.11 -30.10
N PRO A 192 8.14 8.70 -30.66
CA PRO A 192 9.42 9.22 -30.16
C PRO A 192 9.50 10.73 -30.29
N GLU A 193 8.85 11.30 -31.31
CA GLU A 193 8.85 12.75 -31.51
C GLU A 193 8.16 13.47 -30.36
N GLU A 194 6.99 12.96 -29.94
CA GLU A 194 6.33 13.48 -28.74
C GLU A 194 7.21 13.32 -27.51
N ALA A 195 7.85 12.16 -27.37
CA ALA A 195 8.67 11.92 -26.20
C ALA A 195 9.82 12.93 -26.12
N GLU A 196 10.51 13.18 -27.25
CA GLU A 196 11.56 14.18 -27.28
C GLU A 196 11.02 15.55 -26.87
N LYS A 197 9.90 15.95 -27.45
CA LYS A 197 9.28 17.24 -27.11
C LYS A 197 9.07 17.37 -25.61
N ASN A 198 8.46 16.35 -24.98
CA ASN A 198 8.15 16.44 -23.57
C ASN A 198 9.40 16.45 -22.71
N HIS A 199 10.41 15.67 -23.09
CA HIS A 199 11.63 15.59 -22.29
C HIS A 199 12.43 16.89 -22.38
N ILE A 200 12.47 17.52 -23.56
CA ILE A 200 13.11 18.82 -23.68
C ILE A 200 12.39 19.85 -22.82
N PHE A 201 11.06 19.83 -22.82
CA PHE A 201 10.30 20.76 -21.98
C PHE A 201 10.63 20.56 -20.51
N ILE A 202 10.69 19.31 -20.07
CA ILE A 202 10.99 19.05 -18.65
C ILE A 202 12.39 19.53 -18.32
N ARG A 203 13.35 19.31 -19.21
CA ARG A 203 14.71 19.78 -18.95
C ARG A 203 14.75 21.28 -18.76
N LYS A 204 14.06 22.03 -19.61
CA LYS A 204 14.03 23.49 -19.49
C LYS A 204 13.44 23.92 -18.16
N LEU A 205 12.34 23.29 -17.72
CA LEU A 205 11.78 23.59 -16.41
C LEU A 205 12.78 23.33 -15.30
N LEU A 206 13.48 22.19 -15.37
CA LEU A 206 14.44 21.89 -14.31
C LEU A 206 15.60 22.89 -14.33
N ILE A 207 16.02 23.35 -15.52
CA ILE A 207 17.07 24.37 -15.60
C ILE A 207 16.58 25.67 -14.96
N ASN A 208 15.37 26.09 -15.34
CA ASN A 208 14.83 27.35 -14.83
C ASN A 208 14.75 27.35 -13.31
N LYS A 209 14.20 26.29 -12.72
CA LYS A 209 14.03 26.26 -11.27
C LYS A 209 15.37 26.13 -10.55
N PHE A 210 16.23 25.23 -11.02
CA PHE A 210 17.37 24.78 -10.23
C PHE A 210 18.72 25.12 -10.84
N GLY A 211 18.75 25.72 -12.02
CA GLY A 211 20.03 26.07 -12.64
C GLY A 211 20.86 24.83 -12.95
N ASP A 212 22.12 24.87 -12.52
CA ASP A 212 23.08 23.83 -12.87
C ASP A 212 22.69 22.49 -12.28
N GLU A 213 22.25 22.48 -11.02
CA GLU A 213 21.76 21.25 -10.42
C GLU A 213 20.61 20.65 -11.23
N GLY A 214 19.84 21.50 -11.91
CA GLY A 214 18.74 21.02 -12.71
C GLY A 214 19.16 20.32 -13.99
N LYS A 215 20.30 20.72 -14.56
CA LYS A 215 20.77 20.05 -15.77
C LYS A 215 21.15 18.61 -15.50
N ASN A 216 21.43 18.26 -14.24
CA ASN A 216 22.00 16.98 -13.85
C ASN A 216 20.95 15.93 -13.49
N ILE A 217 19.68 16.32 -13.42
CA ILE A 217 18.60 15.40 -13.08
C ILE A 217 18.27 14.56 -14.32
N LEU A 218 18.49 13.26 -14.23
CA LEU A 218 18.11 12.38 -15.33
C LEU A 218 16.60 12.26 -15.45
N ILE A 219 16.13 12.24 -16.70
CA ILE A 219 14.71 12.08 -17.01
C ILE A 219 14.54 10.75 -17.73
N GLN A 220 13.91 9.80 -17.06
CA GLN A 220 13.53 8.53 -17.68
C GLN A 220 12.28 8.71 -18.53
N TYR A 221 12.24 8.02 -19.66
CA TYR A 221 11.00 7.88 -20.40
C TYR A 221 10.14 6.80 -19.75
N GLY A 222 8.89 7.14 -19.46
CA GLY A 222 7.98 6.22 -18.79
C GLY A 222 6.83 5.76 -19.65
N GLY A 223 6.84 6.06 -20.94
CA GLY A 223 5.93 5.41 -21.87
C GLY A 223 6.35 3.97 -22.09
N SER A 224 5.67 3.30 -23.00
CA SER A 224 5.97 1.89 -23.25
C SER A 224 7.34 1.77 -23.92
N MET A 225 8.25 1.05 -23.26
CA MET A 225 9.59 0.81 -23.79
C MET A 225 9.84 -0.69 -23.80
N LYS A 226 10.22 -1.21 -24.96
CA LYS A 226 10.50 -2.63 -25.12
C LYS A 226 11.72 -2.78 -26.01
N ALA A 227 12.13 -4.03 -26.23
CA ALA A 227 13.28 -4.32 -27.09
C ALA A 227 13.12 -3.68 -28.46
N SER A 228 11.93 -3.70 -29.03
CA SER A 228 11.76 -3.26 -30.40
C SER A 228 11.87 -1.74 -30.58
N ASN A 229 11.70 -0.95 -29.51
CA ASN A 229 11.76 0.51 -29.65
C ASN A 229 12.76 1.19 -28.72
N CYS A 230 13.49 0.43 -27.90
CA CYS A 230 14.28 1.07 -26.85
C CYS A 230 15.44 1.87 -27.42
N GLU A 231 16.06 1.40 -28.51
CA GLU A 231 17.24 2.11 -29.00
C GLU A 231 16.86 3.50 -29.52
N GLY A 232 15.75 3.60 -30.26
CA GLY A 232 15.32 4.90 -30.75
C GLY A 232 15.05 5.88 -29.62
N LEU A 233 14.41 5.39 -28.55
CA LEU A 233 14.05 6.29 -27.45
C LEU A 233 15.28 6.66 -26.62
N LEU A 234 16.10 5.67 -26.27
CA LEU A 234 17.25 5.95 -25.43
C LEU A 234 18.30 6.81 -26.12
N ASN A 235 18.28 6.88 -27.45
CA ASN A 235 19.18 7.74 -28.21
C ASN A 235 18.74 9.21 -28.25
N ILE A 236 17.51 9.52 -27.84
CA ILE A 236 17.04 10.90 -27.75
C ILE A 236 17.79 11.61 -26.61
N GLY A 237 18.30 12.82 -26.91
CA GLY A 237 19.23 13.48 -26.01
C GLY A 237 18.76 13.59 -24.57
N GLU A 238 17.53 14.06 -24.37
CA GLU A 238 17.07 14.33 -23.01
C GLU A 238 16.32 13.14 -22.40
N ILE A 239 16.50 11.95 -22.96
CA ILE A 239 16.01 10.72 -22.36
C ILE A 239 17.22 9.99 -21.80
N ASN A 240 17.28 9.83 -20.48
CA ASN A 240 18.42 9.21 -19.84
C ASN A 240 18.01 7.96 -19.07
N GLY A 241 17.05 7.24 -19.61
CA GLY A 241 16.70 5.92 -19.11
C GLY A 241 15.24 5.62 -19.39
N GLY A 242 14.77 4.56 -18.75
CA GLY A 242 13.38 4.17 -18.89
C GLY A 242 12.84 3.62 -17.59
N LEU A 243 11.60 3.96 -17.25
CA LEU A 243 10.88 3.31 -16.18
C LEU A 243 9.96 2.28 -16.85
N ILE A 244 10.33 1.00 -16.75
CA ILE A 244 9.87 -0.05 -17.66
C ILE A 244 8.75 -0.84 -16.99
N GLY A 245 7.68 -1.10 -17.74
CA GLY A 245 6.59 -1.91 -17.23
C GLY A 245 6.73 -3.39 -17.58
N GLY A 246 5.92 -3.85 -18.54
CA GLY A 246 5.87 -5.28 -18.84
C GLY A 246 7.21 -5.87 -19.23
N ALA A 247 8.05 -5.08 -19.91
CA ALA A 247 9.33 -5.61 -20.37
C ALA A 247 10.35 -5.76 -19.26
N SER A 248 10.04 -5.37 -18.02
CA SER A 248 10.96 -5.62 -16.90
C SER A 248 10.59 -6.86 -16.10
N LEU A 249 9.59 -7.62 -16.53
CA LEU A 249 9.12 -8.77 -15.76
C LEU A 249 9.95 -10.03 -15.99
N SER A 250 10.92 -10.00 -16.89
CA SER A 250 11.83 -11.13 -17.06
C SER A 250 13.14 -10.58 -17.61
N ALA A 251 14.22 -11.30 -17.31
CA ALA A 251 15.53 -10.88 -17.81
C ALA A 251 15.57 -10.91 -19.33
N GLU A 252 14.87 -11.88 -19.95
CA GLU A 252 14.80 -11.97 -21.40
C GLU A 252 14.20 -10.72 -22.03
N LYS A 253 13.15 -10.16 -21.42
CA LYS A 253 12.54 -8.96 -21.98
C LYS A 253 13.35 -7.70 -21.68
N LEU A 254 14.04 -7.65 -20.53
CA LEU A 254 14.70 -6.42 -20.10
C LEU A 254 16.12 -6.30 -20.62
N LYS A 255 16.81 -7.43 -20.86
CA LYS A 255 18.20 -7.39 -21.29
C LYS A 255 18.44 -6.52 -22.52
N PRO A 256 17.65 -6.62 -23.60
CA PRO A 256 17.91 -5.74 -24.76
C PRO A 256 17.82 -4.26 -24.42
N ILE A 257 16.99 -3.87 -23.46
CA ILE A 257 16.91 -2.47 -23.09
C ILE A 257 18.20 -2.03 -22.40
N ILE A 258 18.69 -2.85 -21.46
CA ILE A 258 19.95 -2.58 -20.80
C ILE A 258 21.10 -2.55 -21.81
N GLU A 259 21.11 -3.49 -22.75
CA GLU A 259 22.14 -3.52 -23.78
C GLU A 259 22.14 -2.24 -24.60
N ALA A 260 20.95 -1.75 -24.97
CA ALA A 260 20.87 -0.52 -25.76
C ALA A 260 21.44 0.66 -24.97
N ALA A 261 21.08 0.76 -23.69
CA ALA A 261 21.62 1.83 -22.84
C ALA A 261 23.14 1.72 -22.72
N VAL A 262 23.67 0.49 -22.60
CA VAL A 262 25.12 0.35 -22.47
C VAL A 262 25.81 0.75 -23.76
N LYS A 263 25.26 0.33 -24.90
CA LYS A 263 25.83 0.70 -26.18
C LYS A 263 25.89 2.22 -26.33
N LEU A 264 24.89 2.92 -25.83
CA LEU A 264 24.83 4.37 -25.98
C LEU A 264 25.59 5.12 -24.88
N GLY A 265 26.25 4.40 -23.99
CA GLY A 265 27.09 5.05 -22.98
C GLY A 265 28.56 4.70 -23.05
N ARG B 2 -20.73 -21.20 25.09
CA ARG B 2 -19.39 -20.63 25.17
C ARG B 2 -19.22 -19.46 24.19
N LYS B 3 -19.04 -18.25 24.72
CA LYS B 3 -18.94 -17.05 23.88
C LYS B 3 -17.63 -17.05 23.09
N LYS B 4 -17.73 -16.86 21.77
CA LYS B 4 -16.56 -16.82 20.90
C LYS B 4 -16.03 -15.40 20.74
N PHE B 5 -14.70 -15.29 20.59
CA PHE B 5 -14.04 -14.01 20.38
C PHE B 5 -12.99 -14.13 19.30
N ILE B 6 -12.76 -13.03 18.60
CA ILE B 6 -11.61 -12.87 17.70
C ILE B 6 -10.85 -11.64 18.18
N ILE B 7 -9.58 -11.83 18.53
CA ILE B 7 -8.74 -10.75 19.03
C ILE B 7 -7.71 -10.47 17.95
N GLY B 8 -7.82 -9.32 17.29
CA GLY B 8 -6.98 -9.00 16.16
C GLY B 8 -6.04 -7.84 16.47
N GLY B 9 -4.76 -8.04 16.19
CA GLY B 9 -3.78 -7.00 16.37
C GLY B 9 -3.43 -6.28 15.08
N ASN B 10 -3.78 -5.00 14.98
CA ASN B 10 -3.48 -4.18 13.81
C ASN B 10 -2.21 -3.39 14.13
N TRP B 11 -1.08 -3.85 13.60
CA TRP B 11 0.19 -3.18 13.87
C TRP B 11 0.36 -1.88 13.09
N LYS B 12 -0.55 -1.56 12.17
CA LYS B 12 -0.55 -0.31 11.40
C LYS B 12 0.84 -0.10 10.82
N MET B 13 1.41 1.10 10.91
CA MET B 13 2.76 1.42 10.48
C MET B 13 3.67 1.70 11.67
N GLN B 14 3.54 0.87 12.71
CA GLN B 14 4.27 1.06 13.94
C GLN B 14 5.52 0.20 14.02
N ILE B 15 5.58 -0.92 13.33
CA ILE B 15 6.73 -1.82 13.37
C ILE B 15 7.38 -1.80 11.99
N LEU B 16 8.60 -1.28 11.93
CA LEU B 16 9.23 -0.95 10.64
C LEU B 16 10.12 -2.06 10.11
N ASN B 17 10.86 -2.74 10.98
CA ASN B 17 11.89 -3.70 10.55
C ASN B 17 11.34 -5.11 10.61
N VAL B 18 11.76 -5.93 9.65
CA VAL B 18 11.28 -7.31 9.62
C VAL B 18 11.73 -8.06 10.87
N GLU B 19 12.95 -7.80 11.34
CA GLU B 19 13.45 -8.54 12.50
C GLU B 19 12.60 -8.26 13.74
N GLU B 20 12.23 -7.00 13.96
CA GLU B 20 11.39 -6.67 15.10
C GLU B 20 10.01 -7.32 14.96
N ALA B 21 9.43 -7.26 13.76
CA ALA B 21 8.13 -7.88 13.54
C ALA B 21 8.17 -9.37 13.81
N VAL B 22 9.22 -10.05 13.35
CA VAL B 22 9.34 -11.48 13.60
C VAL B 22 9.52 -11.77 15.10
N SER B 23 10.32 -10.97 15.79
CA SER B 23 10.55 -11.21 17.23
C SER B 23 9.26 -11.07 18.03
N ILE B 24 8.50 -10.01 17.76
CA ILE B 24 7.25 -9.80 18.48
C ILE B 24 6.27 -10.92 18.18
N ALA B 25 6.13 -11.28 16.90
CA ALA B 25 5.19 -12.32 16.51
C ALA B 25 5.55 -13.65 17.15
N THR B 26 6.85 -13.97 17.17
CA THR B 26 7.30 -15.21 17.80
C THR B 26 7.00 -15.21 19.29
N GLU B 27 7.30 -14.11 19.96
CA GLU B 27 6.97 -13.98 21.38
C GLU B 27 5.48 -14.17 21.62
N LEU B 28 4.65 -13.61 20.74
CA LEU B 28 3.22 -13.70 20.99
C LEU B 28 2.72 -15.12 20.74
N ALA B 29 3.25 -15.80 19.71
CA ALA B 29 2.84 -17.18 19.44
C ALA B 29 3.18 -18.08 20.63
N THR B 30 4.35 -17.89 21.23
CA THR B 30 4.73 -18.62 22.43
C THR B 30 3.80 -18.29 23.60
N THR B 31 3.55 -17.00 23.81
CA THR B 31 2.67 -16.58 24.90
C THR B 31 1.32 -17.28 24.85
N ILE B 32 0.72 -17.37 23.66
CA ILE B 32 -0.63 -17.91 23.58
C ILE B 32 -0.67 -19.43 23.53
N SER B 33 0.47 -20.08 23.24
CA SER B 33 0.49 -21.53 23.13
C SER B 33 0.02 -22.21 24.42
N GLY B 34 0.39 -21.65 25.57
CA GLY B 34 -0.05 -22.20 26.83
C GLY B 34 -1.43 -21.78 27.29
N ILE B 35 -1.99 -20.74 26.68
CA ILE B 35 -3.34 -20.30 27.03
C ILE B 35 -4.35 -21.17 26.29
N LEU B 36 -5.37 -21.63 27.01
CA LEU B 36 -6.45 -22.42 26.42
C LEU B 36 -7.36 -21.47 25.66
N THR B 37 -7.23 -21.46 24.33
CA THR B 37 -7.87 -20.48 23.48
C THR B 37 -8.86 -21.14 22.51
N GLU B 38 -9.59 -22.14 23.00
CA GLU B 38 -10.47 -22.94 22.14
C GLU B 38 -11.56 -22.08 21.50
N THR B 39 -12.09 -21.08 22.21
CA THR B 39 -13.14 -20.23 21.66
C THR B 39 -12.63 -18.84 21.28
N VAL B 40 -11.32 -18.61 21.31
CA VAL B 40 -10.74 -17.30 21.03
C VAL B 40 -9.72 -17.47 19.91
N ASP B 41 -9.97 -16.84 18.76
CA ASP B 41 -8.98 -16.77 17.69
C ASP B 41 -8.20 -15.48 17.83
N VAL B 42 -6.88 -15.57 17.64
CA VAL B 42 -6.00 -14.41 17.76
C VAL B 42 -5.27 -14.25 16.44
N PHE B 43 -5.26 -13.03 15.90
CA PHE B 43 -4.45 -12.76 14.72
C PHE B 43 -3.69 -11.45 14.90
N ILE B 44 -2.60 -11.33 14.13
CA ILE B 44 -1.85 -10.09 14.04
C ILE B 44 -1.74 -9.69 12.57
N ALA B 45 -1.69 -8.38 12.33
CA ALA B 45 -1.62 -7.82 10.99
C ALA B 45 -0.35 -6.95 10.90
N PRO B 46 0.80 -7.55 10.65
CA PRO B 46 2.01 -6.76 10.37
C PRO B 46 1.87 -6.03 9.05
N SER B 47 2.78 -5.10 8.82
CA SER B 47 2.86 -4.40 7.54
C SER B 47 3.34 -5.34 6.43
N PHE B 48 3.03 -4.96 5.17
CA PHE B 48 3.27 -5.85 4.03
C PHE B 48 4.70 -6.38 3.98
N ASN B 49 5.67 -5.56 4.36
CA ASN B 49 7.07 -5.94 4.21
C ASN B 49 7.41 -7.13 5.08
N ALA B 50 6.71 -7.30 6.21
CA ALA B 50 7.05 -8.35 7.15
C ALA B 50 6.18 -9.59 7.02
N LEU B 51 5.12 -9.57 6.19
CA LEU B 51 4.12 -10.64 6.25
C LEU B 51 4.74 -12.01 6.00
N TYR B 52 5.54 -12.12 4.95
CA TYR B 52 6.09 -13.41 4.56
C TYR B 52 6.99 -13.99 5.65
N SER B 53 7.90 -13.16 6.18
CA SER B 53 8.81 -13.63 7.23
C SER B 53 8.07 -13.97 8.51
N VAL B 54 7.08 -13.16 8.89
CA VAL B 54 6.29 -13.46 10.08
C VAL B 54 5.51 -14.75 9.86
N GLY B 55 4.90 -14.91 8.69
CA GLY B 55 4.18 -16.14 8.39
C GLY B 55 5.05 -17.38 8.52
N GLN B 56 6.30 -17.29 8.06
CA GLN B 56 7.27 -18.36 8.26
C GLN B 56 7.51 -18.64 9.73
N ALA B 57 7.74 -17.57 10.51
CA ALA B 57 8.11 -17.74 11.91
C ALA B 57 6.99 -18.35 12.74
N ILE B 58 5.73 -18.11 12.37
CA ILE B 58 4.61 -18.54 13.20
C ILE B 58 3.81 -19.67 12.56
N LYS B 59 4.33 -20.27 11.50
CA LYS B 59 3.65 -21.41 10.89
C LYS B 59 3.47 -22.52 11.90
N GLY B 60 2.27 -23.11 11.92
CA GLY B 60 1.97 -24.20 12.83
C GLY B 60 1.68 -23.82 14.26
N THR B 61 1.71 -22.52 14.60
CA THR B 61 1.29 -22.08 15.91
C THR B 61 -0.20 -21.75 15.87
N LYS B 62 -0.71 -21.26 17.00
CA LYS B 62 -2.11 -20.82 17.06
C LYS B 62 -2.28 -19.37 16.61
N LEU B 63 -1.19 -18.66 16.37
CA LEU B 63 -1.29 -17.26 15.99
C LEU B 63 -1.57 -17.16 14.49
N LYS B 64 -2.68 -16.53 14.14
CA LYS B 64 -3.04 -16.35 12.74
C LYS B 64 -2.47 -15.04 12.19
N LEU B 65 -2.37 -14.97 10.87
CA LEU B 65 -1.76 -13.85 10.17
C LEU B 65 -2.81 -13.12 9.34
N ALA B 66 -2.71 -11.78 9.32
CA ALA B 66 -3.63 -10.93 8.60
C ALA B 66 -2.86 -9.89 7.81
N GLY B 67 -3.39 -9.54 6.63
CA GLY B 67 -2.97 -8.32 5.95
C GLY B 67 -3.77 -7.13 6.44
N GLN B 68 -3.16 -5.94 6.32
CA GLN B 68 -3.81 -4.69 6.70
C GLN B 68 -4.66 -4.11 5.59
N ASN B 69 -4.54 -4.62 4.37
CA ASN B 69 -5.21 -4.09 3.19
C ASN B 69 -4.82 -5.02 2.04
N MET B 70 -5.48 -4.81 0.89
CA MET B 70 -5.15 -5.47 -0.37
C MET B 70 -5.94 -4.76 -1.47
N TYR B 71 -5.61 -5.08 -2.72
CA TYR B 71 -6.41 -4.58 -3.83
C TYR B 71 -7.47 -5.63 -4.20
N PHE B 72 -8.44 -5.23 -5.03
CA PHE B 72 -9.57 -6.11 -5.34
C PHE B 72 -9.39 -6.86 -6.66
N ARG B 73 -8.23 -6.75 -7.29
CA ARG B 73 -7.88 -7.54 -8.47
C ARG B 73 -6.74 -8.48 -8.09
N ASP B 74 -6.63 -9.59 -8.82
CA ASP B 74 -5.57 -10.57 -8.55
C ASP B 74 -4.21 -10.09 -9.03
N LYS B 75 -4.17 -9.34 -10.12
CA LYS B 75 -2.95 -9.08 -10.85
C LYS B 75 -3.19 -7.90 -11.78
N GLY B 76 -2.16 -7.10 -12.04
CA GLY B 76 -2.28 -6.08 -13.05
C GLY B 76 -1.41 -4.86 -12.78
N ALA B 77 -1.74 -3.78 -13.50
CA ALA B 77 -0.91 -2.56 -13.53
C ALA B 77 -1.39 -1.62 -12.43
N PHE B 78 -1.03 -1.96 -11.20
CA PHE B 78 -1.46 -1.22 -10.01
C PHE B 78 -0.24 -0.97 -9.14
N THR B 79 0.55 0.04 -9.52
CA THR B 79 1.75 0.38 -8.77
C THR B 79 1.40 0.64 -7.32
N GLY B 80 2.14 0.01 -6.41
CA GLY B 80 1.95 0.23 -4.99
C GLY B 80 0.88 -0.59 -4.32
N GLU B 81 0.14 -1.45 -5.05
CA GLU B 81 -0.91 -2.29 -4.48
C GLU B 81 -0.44 -3.71 -4.25
N ILE B 82 -1.15 -4.40 -3.36
CA ILE B 82 -0.82 -5.75 -2.93
C ILE B 82 -1.99 -6.68 -3.27
N SER B 83 -1.69 -7.80 -3.95
CA SER B 83 -2.71 -8.74 -4.40
C SER B 83 -3.17 -9.66 -3.26
N PRO B 84 -4.44 -10.08 -3.26
CA PRO B 84 -4.85 -11.13 -2.32
C PRO B 84 -3.97 -12.36 -2.41
N ASP B 85 -3.48 -12.69 -3.61
CA ASP B 85 -2.60 -13.84 -3.76
C ASP B 85 -1.31 -13.65 -2.97
N SER B 86 -0.81 -12.41 -2.88
CA SER B 86 0.38 -12.17 -2.09
C SER B 86 0.11 -12.37 -0.60
N LEU B 87 -1.09 -11.99 -0.15
CA LEU B 87 -1.44 -12.26 1.24
C LEU B 87 -1.48 -13.76 1.49
N LEU B 88 -2.12 -14.51 0.59
CA LEU B 88 -2.19 -15.96 0.72
C LEU B 88 -0.78 -16.57 0.71
N ASP B 89 0.08 -16.07 -0.18
CA ASP B 89 1.44 -16.58 -0.29
C ASP B 89 2.21 -16.40 1.02
N ALA B 90 1.91 -15.35 1.78
CA ALA B 90 2.56 -15.12 3.06
C ALA B 90 1.98 -15.97 4.20
N GLY B 91 0.86 -16.64 3.99
CA GLY B 91 0.20 -17.37 5.05
C GLY B 91 -0.97 -16.66 5.72
N CYS B 92 -1.44 -15.55 5.14
CA CYS B 92 -2.56 -14.82 5.73
C CYS B 92 -3.85 -15.63 5.69
N GLU B 93 -4.56 -15.62 6.82
CA GLU B 93 -5.92 -16.14 6.93
C GLU B 93 -6.96 -15.03 6.97
N TYR B 94 -6.59 -13.84 7.45
CA TYR B 94 -7.48 -12.70 7.55
C TYR B 94 -6.96 -11.55 6.68
N VAL B 95 -7.85 -10.60 6.35
CA VAL B 95 -7.40 -9.31 5.81
C VAL B 95 -8.31 -8.20 6.35
N ILE B 96 -7.70 -7.13 6.87
CA ILE B 96 -8.46 -5.97 7.33
C ILE B 96 -8.85 -5.14 6.10
N LEU B 97 -10.12 -4.74 6.03
CA LEU B 97 -10.61 -4.00 4.88
C LEU B 97 -11.47 -2.84 5.34
N GLY B 98 -11.32 -1.68 4.68
CA GLY B 98 -12.10 -0.52 5.07
C GLY B 98 -11.75 0.08 6.43
N HIS B 99 -10.54 -0.16 6.93
CA HIS B 99 -10.12 0.51 8.15
C HIS B 99 -10.29 2.02 7.99
N SER B 100 -10.67 2.68 9.10
CA SER B 100 -10.97 4.12 9.06
C SER B 100 -9.86 4.93 8.42
N GLU B 101 -8.60 4.55 8.65
CA GLU B 101 -7.50 5.28 8.02
C GLU B 101 -7.56 5.14 6.49
N ARG B 102 -7.89 3.95 5.99
CA ARG B 102 -8.06 3.79 4.54
C ARG B 102 -9.22 4.63 4.03
N ARG B 103 -10.36 4.59 4.71
CA ARG B 103 -11.53 5.33 4.25
C ARG B 103 -11.33 6.84 4.35
N ARG B 104 -10.86 7.31 5.51
CA ARG B 104 -10.88 8.73 5.84
C ARG B 104 -9.59 9.46 5.50
N ILE B 105 -8.44 8.80 5.60
CA ILE B 105 -7.21 9.46 5.17
C ILE B 105 -6.92 9.21 3.70
N PHE B 106 -7.07 7.95 3.25
CA PHE B 106 -6.68 7.57 1.90
C PHE B 106 -7.86 7.41 0.96
N GLY B 107 -9.07 7.75 1.41
CA GLY B 107 -10.19 7.93 0.50
C GLY B 107 -10.75 6.68 -0.13
N GLU B 108 -10.65 5.53 0.54
CA GLU B 108 -11.24 4.32 -0.03
C GLU B 108 -12.75 4.38 0.12
N SER B 109 -13.46 4.27 -1.00
CA SER B 109 -14.91 4.34 -1.06
C SER B 109 -15.54 3.00 -0.67
N ASP B 110 -16.85 3.02 -0.42
CA ASP B 110 -17.55 1.78 -0.15
C ASP B 110 -17.55 0.86 -1.37
N ALA B 111 -17.64 1.44 -2.57
CA ALA B 111 -17.64 0.60 -3.75
C ALA B 111 -16.32 -0.11 -3.93
N VAL B 112 -15.21 0.58 -3.65
CA VAL B 112 -13.90 -0.05 -3.70
C VAL B 112 -13.78 -1.12 -2.63
N ILE B 113 -14.19 -0.78 -1.41
CA ILE B 113 -14.07 -1.73 -0.31
C ILE B 113 -14.96 -2.94 -0.57
N ASN B 114 -16.14 -2.72 -1.16
CA ASN B 114 -17.03 -3.82 -1.52
C ASN B 114 -16.33 -4.82 -2.43
N GLN B 115 -15.64 -4.33 -3.48
CA GLN B 115 -14.93 -5.25 -4.36
C GLN B 115 -13.83 -6.01 -3.62
N LYS B 116 -13.14 -5.34 -2.69
CA LYS B 116 -12.13 -6.03 -1.89
C LYS B 116 -12.73 -7.12 -1.03
N VAL B 117 -13.89 -6.86 -0.41
CA VAL B 117 -14.52 -7.87 0.45
C VAL B 117 -14.92 -9.09 -0.38
N LYS B 118 -15.56 -8.88 -1.53
CA LYS B 118 -15.94 -10.01 -2.36
C LYS B 118 -14.71 -10.76 -2.86
N LYS B 119 -13.64 -10.04 -3.21
CA LYS B 119 -12.40 -10.70 -3.62
C LYS B 119 -11.84 -11.58 -2.51
N ALA B 120 -11.80 -11.03 -1.29
CA ALA B 120 -11.27 -11.78 -0.15
C ALA B 120 -12.02 -13.09 0.04
N LEU B 121 -13.35 -13.02 -0.03
CA LEU B 121 -14.18 -14.21 0.13
C LEU B 121 -13.92 -15.22 -0.99
N GLU B 122 -13.87 -14.73 -2.24
CA GLU B 122 -13.56 -15.62 -3.36
C GLU B 122 -12.27 -16.37 -3.12
N LYS B 123 -11.28 -15.69 -2.53
CA LYS B 123 -9.96 -16.25 -2.28
C LYS B 123 -9.90 -17.08 -1.00
N GLY B 124 -10.99 -17.15 -0.24
CA GLY B 124 -10.97 -17.86 1.02
C GLY B 124 -10.35 -17.10 2.17
N LEU B 125 -9.97 -15.84 1.98
CA LEU B 125 -9.54 -15.01 3.10
C LEU B 125 -10.75 -14.60 3.94
N LYS B 126 -10.52 -14.43 5.25
CA LYS B 126 -11.54 -13.96 6.17
C LYS B 126 -11.45 -12.44 6.30
N PRO B 127 -12.40 -11.68 5.74
CA PRO B 127 -12.29 -10.23 5.81
C PRO B 127 -12.72 -9.70 7.16
N VAL B 128 -11.95 -8.73 7.66
CA VAL B 128 -12.37 -7.96 8.82
C VAL B 128 -12.78 -6.59 8.29
N LEU B 129 -14.08 -6.43 8.06
CA LEU B 129 -14.64 -5.24 7.43
C LEU B 129 -14.89 -4.20 8.50
N CYS B 130 -14.16 -3.10 8.43
CA CYS B 130 -14.29 -2.03 9.40
C CYS B 130 -15.29 -1.01 8.90
N ILE B 131 -16.08 -0.50 9.84
CA ILE B 131 -17.02 0.58 9.59
C ILE B 131 -16.90 1.54 10.77
N GLY B 132 -17.47 2.72 10.62
CA GLY B 132 -17.48 3.69 11.70
C GLY B 132 -17.68 5.11 11.25
N GLU B 133 -18.30 5.94 12.10
CA GLU B 133 -18.60 7.33 11.76
C GLU B 133 -17.67 8.30 12.50
N THR B 134 -17.48 9.47 11.90
CA THR B 134 -16.61 10.50 12.46
C THR B 134 -17.39 11.39 13.44
N ALA B 135 -16.67 12.32 14.05
CA ALA B 135 -17.31 13.20 15.03
C ALA B 135 -18.35 14.11 14.39
N LYS B 136 -18.05 14.65 13.20
CA LYS B 136 -19.03 15.46 12.48
C LYS B 136 -20.29 14.65 12.16
N GLU B 137 -20.11 13.42 11.64
CA GLU B 137 -21.25 12.57 11.32
C GLU B 137 -22.06 12.22 12.57
N LYS B 138 -21.39 11.88 13.67
CA LYS B 138 -22.10 11.55 14.90
C LYS B 138 -22.85 12.76 15.44
N GLU B 139 -22.17 13.92 15.50
CA GLU B 139 -22.78 15.11 16.06
C GLU B 139 -23.98 15.59 15.24
N GLU B 140 -23.95 15.37 13.92
CA GLU B 140 -25.07 15.76 13.08
C GLU B 140 -26.21 14.75 13.11
N GLY B 141 -26.12 13.72 13.95
CA GLY B 141 -27.15 12.70 14.03
C GLY B 141 -27.12 11.65 12.94
N HIS B 142 -26.00 11.50 12.23
CA HIS B 142 -25.93 10.60 11.09
C HIS B 142 -25.21 9.29 11.40
N THR B 143 -25.04 8.93 12.67
CA THR B 143 -24.40 7.66 12.99
C THR B 143 -25.08 6.49 12.28
N GLU B 144 -26.41 6.40 12.40
CA GLU B 144 -27.12 5.25 11.87
C GLU B 144 -27.07 5.23 10.35
N THR B 145 -27.22 6.40 9.72
CA THR B 145 -27.15 6.48 8.26
C THR B 145 -25.76 6.12 7.75
N VAL B 146 -24.71 6.53 8.46
CA VAL B 146 -23.35 6.22 8.01
C VAL B 146 -23.09 4.71 8.12
N LEU B 147 -23.41 4.12 9.27
CA LEU B 147 -23.14 2.69 9.46
C LEU B 147 -23.99 1.83 8.53
N ARG B 148 -25.25 2.22 8.31
CA ARG B 148 -26.09 1.47 7.39
C ARG B 148 -25.57 1.58 5.97
N THR B 149 -25.16 2.79 5.55
CA THR B 149 -24.59 2.96 4.22
C THR B 149 -23.33 2.13 4.06
N GLN B 150 -22.46 2.13 5.07
CA GLN B 150 -21.24 1.36 4.99
C GLN B 150 -21.55 -0.12 4.91
N ILE B 151 -22.50 -0.59 5.72
CA ILE B 151 -22.85 -2.01 5.71
C ILE B 151 -23.51 -2.39 4.38
N ASP B 152 -24.49 -1.60 3.93
CA ASP B 152 -25.20 -1.93 2.69
C ASP B 152 -24.27 -1.92 1.48
N GLU B 153 -23.40 -0.93 1.39
CA GLU B 153 -22.59 -0.76 0.18
C GLU B 153 -21.28 -1.54 0.24
N SER B 154 -20.63 -1.63 1.42
CA SER B 154 -19.45 -2.47 1.53
C SER B 154 -19.78 -3.96 1.43
N MET B 155 -20.98 -4.38 1.87
CA MET B 155 -21.34 -5.79 1.83
C MET B 155 -22.24 -6.14 0.64
N ALA B 156 -22.39 -5.25 -0.34
CA ALA B 156 -23.32 -5.52 -1.43
C ALA B 156 -22.92 -6.77 -2.19
N ASP B 157 -23.92 -7.60 -2.47
CA ASP B 157 -23.77 -8.75 -3.39
C ASP B 157 -22.84 -9.82 -2.84
N ILE B 158 -22.68 -9.92 -1.53
CA ILE B 158 -21.91 -11.02 -0.97
C ILE B 158 -22.76 -12.29 -0.98
N PRO B 159 -22.27 -13.39 -1.54
CA PRO B 159 -23.05 -14.64 -1.51
C PRO B 159 -23.32 -15.04 -0.08
N ARG B 160 -24.60 -15.39 0.18
CA ARG B 160 -25.00 -15.72 1.54
C ARG B 160 -24.14 -16.83 2.14
N GLU B 161 -23.64 -17.75 1.31
CA GLU B 161 -22.87 -18.89 1.81
C GLU B 161 -21.42 -18.54 2.13
N GLN B 162 -20.94 -17.35 1.75
CA GLN B 162 -19.63 -16.86 2.17
C GLN B 162 -19.70 -16.02 3.43
N LEU B 163 -20.90 -15.74 3.91
CA LEU B 163 -21.11 -14.71 4.93
C LEU B 163 -20.51 -15.11 6.28
N ASN B 164 -20.35 -16.41 6.54
CA ASN B 164 -19.76 -16.89 7.78
C ASN B 164 -18.27 -16.55 7.90
N LEU B 165 -17.63 -16.14 6.82
CA LEU B 165 -16.22 -15.79 6.88
C LEU B 165 -16.00 -14.34 7.31
N ILE B 166 -17.05 -13.52 7.34
CA ILE B 166 -16.93 -12.09 7.60
C ILE B 166 -16.94 -11.79 9.10
N THR B 167 -16.06 -10.87 9.50
CA THR B 167 -16.06 -10.24 10.82
C THR B 167 -16.24 -8.74 10.61
N ILE B 168 -17.09 -8.11 11.41
CA ILE B 168 -17.25 -6.66 11.38
C ILE B 168 -16.48 -6.07 12.55
N ALA B 169 -15.82 -4.94 12.33
CA ALA B 169 -15.17 -4.18 13.39
C ALA B 169 -15.76 -2.78 13.39
N TYR B 170 -16.37 -2.38 14.51
CA TYR B 170 -16.92 -1.04 14.65
C TYR B 170 -15.86 -0.10 15.21
N GLU B 171 -15.57 0.98 14.48
CA GLU B 171 -14.59 1.97 14.92
C GLU B 171 -15.28 3.26 15.34
N PRO B 172 -15.17 3.68 16.59
CA PRO B 172 -15.71 5.00 16.97
C PRO B 172 -14.71 6.09 16.58
N VAL B 173 -14.68 6.37 15.27
CA VAL B 173 -13.74 7.35 14.73
C VAL B 173 -13.94 8.70 15.40
N TRP B 174 -15.19 8.99 15.78
CA TRP B 174 -15.54 10.22 16.47
C TRP B 174 -14.76 10.41 17.77
N ALA B 175 -14.24 9.34 18.37
CA ALA B 175 -13.49 9.44 19.61
C ALA B 175 -11.99 9.61 19.40
N ILE B 176 -11.53 9.63 18.15
CA ILE B 176 -10.10 9.67 17.86
C ILE B 176 -9.61 11.10 18.01
N ASN B 177 -8.58 11.29 18.83
CA ASN B 177 -8.03 12.62 19.09
C ASN B 177 -7.12 13.01 17.93
N ASN B 178 -7.74 13.45 16.84
CA ASN B 178 -7.03 13.75 15.61
C ASN B 178 -7.86 14.76 14.83
N LYS B 179 -7.35 15.99 14.72
CA LYS B 179 -8.08 17.06 14.04
C LYS B 179 -8.20 16.83 12.55
N PHE B 180 -7.33 16.02 11.95
CA PHE B 180 -7.48 15.70 10.53
C PHE B 180 -8.74 14.86 10.31
N LEU B 181 -8.95 13.85 11.16
CA LEU B 181 -10.15 13.03 11.07
C LEU B 181 -11.38 13.77 11.54
N ASN B 182 -11.25 14.58 12.58
CA ASN B 182 -12.39 15.18 13.29
C ASN B 182 -12.12 16.68 13.44
N PRO B 183 -12.20 17.44 12.33
CA PRO B 183 -11.66 18.81 12.35
C PRO B 183 -12.48 19.81 13.14
N ASN B 184 -13.79 19.82 12.92
CA ASN B 184 -14.62 20.89 13.45
C ASN B 184 -15.69 20.33 14.37
N SER B 185 -15.30 19.46 15.30
CA SER B 185 -16.24 18.88 16.25
C SER B 185 -15.53 18.64 17.57
N GLU B 186 -16.31 18.68 18.64
CA GLU B 186 -15.79 18.28 19.94
C GLU B 186 -15.46 16.80 19.90
N ILE B 187 -14.29 16.44 20.42
CA ILE B 187 -13.82 15.07 20.43
C ILE B 187 -14.11 14.51 21.80
N LYS B 188 -15.01 13.54 21.86
CA LYS B 188 -15.42 12.93 23.11
C LYS B 188 -14.75 11.58 23.28
N THR B 189 -14.47 11.22 24.53
CA THR B 189 -13.95 9.91 24.85
C THR B 189 -15.07 8.87 24.73
N ALA B 190 -14.74 7.73 24.12
CA ALA B 190 -15.73 6.68 23.91
C ALA B 190 -15.99 5.93 25.21
N THR B 191 -17.24 5.52 25.42
CA THR B 191 -17.66 4.80 26.60
C THR B 191 -18.19 3.43 26.22
N PRO B 192 -18.20 2.46 27.16
CA PRO B 192 -18.78 1.15 26.86
C PRO B 192 -20.26 1.23 26.49
N GLU B 193 -20.98 2.18 27.09
CA GLU B 193 -22.40 2.35 26.76
C GLU B 193 -22.60 2.81 25.31
N GLU B 194 -21.76 3.72 24.83
CA GLU B 194 -21.79 4.06 23.40
C GLU B 194 -21.45 2.86 22.54
N ALA B 195 -20.39 2.13 22.93
CA ALA B 195 -20.01 0.93 22.19
C ALA B 195 -21.16 -0.05 22.09
N GLU B 196 -21.83 -0.31 23.20
CA GLU B 196 -22.93 -1.28 23.18
C GLU B 196 -24.05 -0.82 22.27
N LYS B 197 -24.37 0.48 22.32
CA LYS B 197 -25.44 1.00 21.48
C LYS B 197 -25.13 0.76 20.01
N ASN B 198 -23.90 1.09 19.57
CA ASN B 198 -23.56 0.91 18.16
C ASN B 198 -23.50 -0.57 17.78
N HIS B 199 -22.96 -1.40 18.65
CA HIS B 199 -22.87 -2.83 18.33
C HIS B 199 -24.25 -3.45 18.20
N ILE B 200 -25.18 -3.08 19.08
CA ILE B 200 -26.54 -3.61 18.98
C ILE B 200 -27.20 -3.18 17.67
N PHE B 201 -27.05 -1.90 17.33
CA PHE B 201 -27.56 -1.41 16.05
C PHE B 201 -26.98 -2.20 14.88
N ILE B 202 -25.67 -2.44 14.90
CA ILE B 202 -25.05 -3.22 13.84
C ILE B 202 -25.64 -4.62 13.78
N ARG B 203 -25.81 -5.26 14.94
CA ARG B 203 -26.44 -6.59 14.97
C ARG B 203 -27.82 -6.57 14.32
N LYS B 204 -28.63 -5.56 14.68
CA LYS B 204 -29.98 -5.43 14.11
C LYS B 204 -29.94 -5.32 12.60
N LEU B 205 -29.02 -4.51 12.07
CA LEU B 205 -28.91 -4.39 10.61
C LEU B 205 -28.53 -5.71 9.97
N LEU B 206 -27.58 -6.43 10.57
CA LEU B 206 -27.13 -7.67 9.96
C LEU B 206 -28.24 -8.72 9.95
N ILE B 207 -29.06 -8.77 11.00
CA ILE B 207 -30.17 -9.72 11.03
C ILE B 207 -31.25 -9.30 10.04
N ASN B 208 -31.50 -8.00 9.94
CA ASN B 208 -32.44 -7.49 8.94
C ASN B 208 -32.02 -7.86 7.52
N LYS B 209 -30.71 -7.79 7.22
CA LYS B 209 -30.26 -8.08 5.85
C LYS B 209 -30.12 -9.57 5.61
N PHE B 210 -29.53 -10.30 6.55
CA PHE B 210 -29.07 -11.65 6.28
C PHE B 210 -29.77 -12.72 7.10
N GLY B 211 -30.77 -12.35 7.90
CA GLY B 211 -31.48 -13.35 8.67
C GLY B 211 -30.56 -14.02 9.67
N ASP B 212 -30.62 -15.35 9.71
CA ASP B 212 -29.87 -16.10 10.71
C ASP B 212 -28.38 -16.03 10.46
N GLU B 213 -27.98 -16.00 9.18
CA GLU B 213 -26.57 -15.82 8.85
C GLU B 213 -26.01 -14.54 9.45
N GLY B 214 -26.84 -13.50 9.57
CA GLY B 214 -26.37 -12.23 10.11
C GLY B 214 -26.20 -12.24 11.61
N LYS B 215 -26.95 -13.09 12.31
CA LYS B 215 -26.73 -13.21 13.75
C LYS B 215 -25.34 -13.77 14.05
N ASN B 216 -24.79 -14.57 13.13
CA ASN B 216 -23.54 -15.29 13.36
C ASN B 216 -22.29 -14.46 13.09
N ILE B 217 -22.43 -13.27 12.50
CA ILE B 217 -21.27 -12.46 12.15
C ILE B 217 -20.77 -11.77 13.41
N LEU B 218 -19.55 -12.13 13.85
CA LEU B 218 -18.95 -11.51 15.03
C LEU B 218 -18.63 -10.04 14.77
N ILE B 219 -18.85 -9.20 15.78
CA ILE B 219 -18.56 -7.77 15.70
C ILE B 219 -17.45 -7.45 16.69
N GLN B 220 -16.28 -7.10 16.18
CA GLN B 220 -15.19 -6.65 17.04
C GLN B 220 -15.43 -5.20 17.42
N TYR B 221 -15.06 -4.85 18.65
CA TYR B 221 -14.94 -3.45 19.01
C TYR B 221 -13.59 -2.94 18.52
N GLY B 222 -13.62 -1.83 17.78
CA GLY B 222 -12.43 -1.27 17.18
C GLY B 222 -12.01 0.05 17.78
N GLY B 223 -12.60 0.48 18.89
CA GLY B 223 -12.09 1.58 19.66
C GLY B 223 -10.93 1.14 20.53
N SER B 224 -10.43 2.06 21.33
CA SER B 224 -9.23 1.77 22.13
C SER B 224 -9.56 0.70 23.18
N MET B 225 -8.83 -0.41 23.11
CA MET B 225 -9.00 -1.54 24.01
C MET B 225 -7.64 -1.88 24.58
N LYS B 226 -7.55 -1.91 25.91
CA LYS B 226 -6.31 -2.22 26.59
C LYS B 226 -6.64 -3.07 27.80
N ALA B 227 -5.60 -3.52 28.50
CA ALA B 227 -5.80 -4.38 29.67
C ALA B 227 -6.80 -3.75 30.65
N SER B 228 -6.68 -2.45 30.89
CA SER B 228 -7.46 -1.78 31.92
C SER B 228 -8.95 -1.73 31.61
N ASN B 229 -9.34 -1.79 30.34
CA ASN B 229 -10.77 -1.69 30.02
C ASN B 229 -11.30 -2.85 29.19
N CYS B 230 -10.48 -3.86 28.87
CA CYS B 230 -10.92 -4.88 27.95
C CYS B 230 -12.03 -5.74 28.54
N GLU B 231 -11.94 -6.06 29.83
CA GLU B 231 -12.93 -6.97 30.40
C GLU B 231 -14.33 -6.35 30.35
N GLY B 232 -14.45 -5.07 30.68
CA GLY B 232 -15.75 -4.41 30.59
C GLY B 232 -16.33 -4.45 29.17
N LEU B 233 -15.48 -4.24 28.17
CA LEU B 233 -15.95 -4.22 26.79
C LEU B 233 -16.28 -5.60 26.28
N LEU B 234 -15.37 -6.56 26.47
CA LEU B 234 -15.60 -7.91 25.97
C LEU B 234 -16.81 -8.52 26.63
N ASN B 235 -17.34 -7.86 27.62
CA ASN B 235 -18.29 -8.46 28.51
C ASN B 235 -19.67 -8.12 27.96
N ILE B 236 -19.71 -7.12 27.06
CA ILE B 236 -20.91 -6.65 26.39
C ILE B 236 -21.38 -7.68 25.37
N GLY B 237 -22.70 -7.93 25.36
CA GLY B 237 -23.25 -9.04 24.59
C GLY B 237 -22.82 -9.04 23.12
N GLU B 238 -23.00 -7.91 22.43
CA GLU B 238 -22.74 -7.86 21.00
C GLU B 238 -21.32 -7.40 20.66
N ILE B 239 -20.41 -7.43 21.63
CA ILE B 239 -18.98 -7.27 21.37
C ILE B 239 -18.38 -8.67 21.41
N ASN B 240 -17.86 -9.15 20.28
CA ASN B 240 -17.31 -10.49 20.20
C ASN B 240 -15.84 -10.45 19.82
N GLY B 241 -15.14 -9.43 20.29
CA GLY B 241 -13.70 -9.37 20.11
C GLY B 241 -13.23 -7.94 20.07
N GLY B 242 -11.96 -7.79 19.69
CA GLY B 242 -11.37 -6.48 19.60
C GLY B 242 -10.41 -6.40 18.44
N LEU B 243 -10.45 -5.29 17.69
CA LEU B 243 -9.43 -4.97 16.70
C LEU B 243 -8.51 -3.98 17.39
N ILE B 244 -7.32 -4.44 17.75
CA ILE B 244 -6.49 -3.80 18.78
C ILE B 244 -5.36 -3.04 18.12
N GLY B 245 -5.13 -1.81 18.58
CA GLY B 245 -4.01 -1.03 18.09
C GLY B 245 -2.79 -1.16 18.96
N GLY B 246 -2.51 -0.12 19.77
CA GLY B 246 -1.27 -0.08 20.53
C GLY B 246 -1.03 -1.29 21.41
N ALA B 247 -2.09 -1.84 22.03
CA ALA B 247 -1.87 -2.96 22.94
C ALA B 247 -1.53 -4.27 22.23
N SER B 248 -1.55 -4.33 20.90
CA SER B 248 -1.15 -5.55 20.22
C SER B 248 0.31 -5.54 19.80
N LEU B 249 1.05 -4.49 20.15
CA LEU B 249 2.43 -4.36 19.71
C LEU B 249 3.43 -5.08 20.60
N SER B 250 2.99 -5.65 21.72
CA SER B 250 3.83 -6.53 22.51
C SER B 250 2.97 -7.63 23.09
N ALA B 251 3.60 -8.79 23.32
CA ALA B 251 2.91 -9.88 24.00
C ALA B 251 2.47 -9.45 25.40
N GLU B 252 3.29 -8.66 26.08
CA GLU B 252 2.95 -8.23 27.44
C GLU B 252 1.68 -7.39 27.45
N LYS B 253 1.51 -6.52 26.46
CA LYS B 253 0.33 -5.66 26.41
C LYS B 253 -0.91 -6.40 25.92
N LEU B 254 -0.73 -7.42 25.08
CA LEU B 254 -1.89 -8.07 24.48
C LEU B 254 -2.39 -9.25 25.30
N LYS B 255 -1.51 -9.92 26.03
CA LYS B 255 -1.89 -11.13 26.76
C LYS B 255 -3.08 -10.93 27.69
N PRO B 256 -3.18 -9.85 28.48
CA PRO B 256 -4.36 -9.72 29.35
C PRO B 256 -5.67 -9.54 28.59
N ILE B 257 -5.64 -8.98 27.39
CA ILE B 257 -6.84 -8.93 26.56
C ILE B 257 -7.23 -10.33 26.10
N ILE B 258 -6.23 -11.10 25.65
CA ILE B 258 -6.48 -12.49 25.28
C ILE B 258 -6.96 -13.29 26.48
N GLU B 259 -6.38 -13.03 27.65
CA GLU B 259 -6.79 -13.76 28.84
C GLU B 259 -8.21 -13.40 29.27
N ALA B 260 -8.56 -12.12 29.15
CA ALA B 260 -9.94 -11.73 29.45
C ALA B 260 -10.94 -12.41 28.50
N ALA B 261 -10.61 -12.46 27.20
CA ALA B 261 -11.52 -13.12 26.26
C ALA B 261 -11.68 -14.59 26.57
N VAL B 262 -10.58 -15.26 26.96
CA VAL B 262 -10.65 -16.67 27.32
C VAL B 262 -11.52 -16.87 28.56
N LYS B 263 -11.33 -16.01 29.57
CA LYS B 263 -12.13 -16.10 30.79
C LYS B 263 -13.61 -15.95 30.49
N LEU B 264 -13.95 -15.04 29.57
CA LEU B 264 -15.34 -14.80 29.24
C LEU B 264 -15.90 -15.81 28.24
N GLY B 265 -15.08 -16.69 27.69
CA GLY B 265 -15.50 -17.68 26.72
C GLY B 265 -15.67 -19.09 27.27
N LYS B 266 -15.61 -19.27 28.58
CA LYS B 266 -15.72 -20.59 29.20
C LYS B 266 -17.13 -21.14 29.08
#